data_1F89
#
_entry.id   1F89
#
_cell.length_a   73.523
_cell.length_b   53.492
_cell.length_c   80.985
_cell.angle_alpha   90.00
_cell.angle_beta   112.43
_cell.angle_gamma   90.00
#
_symmetry.space_group_name_H-M   'P 1 21 1'
#
loop_
_entity.id
_entity.type
_entity.pdbx_description
1 polymer '32.5 KDA PROTEIN YLR351C'
2 water water
#
_entity_poly.entity_id   1
_entity_poly.type   'polypeptide(L)'
_entity_poly.pdbx_seq_one_letter_code
;MSASKILSQKIKVALVQLSGSSPDKMANLQRAATFIERAMKEQPDTKLVVLPECFNSPYSTDQFRKYSEVINPKEPSTSV
QFLSNLANKFKIILVGGTIPELDPKTDKIYNTSIIFNEDGKLIDKHRKVHLFDVDIPNGISFHESETLSPGEKSTTIDTK
YGKFGVGICYDMRFPELAMLSARKGAFAMIYPSAFNTVTGPLHWHLLARSRAVDNQVYVMLCSPARNLQSSYHAYGHSIV
VDPRGKIVAEAGEGEEIIYAELDPEVIESFRQAVPLTKQRRFDVYSDVNAH
;
_entity_poly.pdbx_strand_id   A,B
#
# COMPACT_ATOMS: atom_id res chain seq x y z
N SER A 2 8.09 -20.38 -12.18
CA SER A 2 7.21 -20.48 -13.39
C SER A 2 6.46 -21.81 -13.39
N ALA A 3 6.47 -22.46 -12.22
CA ALA A 3 5.82 -23.75 -12.01
C ALA A 3 6.29 -24.33 -10.67
N SER A 4 5.40 -24.25 -9.68
CA SER A 4 5.65 -24.78 -8.33
C SER A 4 6.87 -24.27 -7.54
N LYS A 5 6.61 -23.31 -6.66
CA LYS A 5 7.61 -22.71 -5.78
C LYS A 5 6.83 -22.13 -4.60
N ILE A 6 6.01 -21.14 -4.93
CA ILE A 6 5.15 -20.47 -3.95
C ILE A 6 3.74 -21.00 -4.23
N LEU A 7 3.51 -21.38 -5.48
CA LEU A 7 2.24 -21.92 -5.94
C LEU A 7 2.59 -23.11 -6.83
N SER A 8 2.18 -24.31 -6.41
CA SER A 8 2.53 -25.52 -7.17
C SER A 8 1.99 -25.62 -8.58
N GLN A 9 0.75 -25.21 -8.79
CA GLN A 9 0.16 -25.29 -10.12
C GLN A 9 -0.84 -24.15 -10.30
N LYS A 10 -1.38 -24.05 -11.51
CA LYS A 10 -2.38 -23.03 -11.79
C LYS A 10 -3.66 -23.48 -11.15
N ILE A 11 -4.16 -22.73 -10.17
CA ILE A 11 -5.40 -23.12 -9.51
C ILE A 11 -6.50 -22.08 -9.75
N LYS A 12 -7.65 -22.55 -10.20
CA LYS A 12 -8.77 -21.63 -10.43
C LYS A 12 -9.52 -21.44 -9.12
N VAL A 13 -10.00 -20.23 -8.89
CA VAL A 13 -10.74 -19.93 -7.65
C VAL A 13 -12.10 -19.30 -7.91
N ALA A 14 -12.94 -19.28 -6.87
CA ALA A 14 -14.27 -18.68 -6.98
C ALA A 14 -14.68 -17.92 -5.73
N LEU A 15 -14.92 -16.62 -5.88
CA LEU A 15 -15.37 -15.81 -4.75
C LEU A 15 -16.89 -15.75 -4.83
N VAL A 16 -17.57 -16.02 -3.72
CA VAL A 16 -19.03 -16.00 -3.73
C VAL A 16 -19.61 -14.78 -3.00
N GLN A 17 -19.98 -13.75 -3.76
CA GLN A 17 -20.56 -12.55 -3.20
C GLN A 17 -22.03 -12.82 -2.88
N LEU A 18 -22.23 -13.61 -1.83
CA LEU A 18 -23.56 -14.00 -1.38
C LEU A 18 -24.30 -12.88 -0.65
N SER A 19 -25.62 -12.94 -0.78
CA SER A 19 -26.46 -11.99 -0.11
C SER A 19 -27.13 -12.84 0.93
N GLY A 20 -26.40 -13.19 1.98
CA GLY A 20 -26.96 -14.00 3.04
C GLY A 20 -27.19 -13.08 4.21
N SER A 21 -26.78 -13.53 5.40
CA SER A 21 -26.90 -12.76 6.62
C SER A 21 -28.32 -12.41 7.06
N SER A 22 -29.30 -13.19 6.62
CA SER A 22 -30.69 -12.96 7.01
C SER A 22 -30.84 -13.54 8.41
N PRO A 23 -31.93 -13.21 9.12
CA PRO A 23 -32.18 -13.71 10.47
C PRO A 23 -32.24 -15.22 10.54
N ASP A 24 -32.57 -15.85 9.42
CA ASP A 24 -32.64 -17.30 9.38
C ASP A 24 -31.31 -17.90 8.95
N LYS A 25 -30.58 -18.43 9.93
CA LYS A 25 -29.27 -19.05 9.73
C LYS A 25 -29.31 -20.21 8.72
N MET A 26 -30.23 -21.14 8.94
CA MET A 26 -30.42 -22.31 8.07
C MET A 26 -30.55 -21.87 6.60
N ALA A 27 -31.35 -20.85 6.38
CA ALA A 27 -31.60 -20.34 5.04
C ALA A 27 -30.32 -19.75 4.47
N ASN A 28 -29.51 -19.17 5.36
CA ASN A 28 -28.24 -18.57 4.97
C ASN A 28 -27.28 -19.65 4.50
N LEU A 29 -27.07 -20.67 5.33
CA LEU A 29 -26.20 -21.77 4.97
C LEU A 29 -26.71 -22.41 3.68
N GLN A 30 -28.00 -22.69 3.63
CA GLN A 30 -28.61 -23.31 2.47
C GLN A 30 -28.29 -22.55 1.19
N ARG A 31 -28.34 -21.23 1.27
CA ARG A 31 -28.05 -20.36 0.13
C ARG A 31 -26.56 -20.41 -0.21
N ALA A 32 -25.73 -20.43 0.82
CA ALA A 32 -24.29 -20.52 0.61
C ALA A 32 -23.95 -21.85 -0.06
N ALA A 33 -24.78 -22.85 0.19
CA ALA A 33 -24.62 -24.18 -0.38
C ALA A 33 -25.03 -24.11 -1.85
N THR A 34 -26.22 -23.56 -2.08
CA THR A 34 -26.77 -23.40 -3.42
C THR A 34 -25.76 -22.70 -4.33
N PHE A 35 -25.19 -21.59 -3.86
CA PHE A 35 -24.24 -20.83 -4.66
C PHE A 35 -22.88 -21.46 -4.90
N ILE A 36 -22.47 -22.35 -4.01
CA ILE A 36 -21.20 -23.01 -4.18
C ILE A 36 -21.38 -24.16 -5.17
N GLU A 37 -22.61 -24.67 -5.28
CA GLU A 37 -22.92 -25.71 -6.25
C GLU A 37 -22.81 -25.06 -7.63
N ARG A 38 -23.35 -23.86 -7.76
CA ARG A 38 -23.28 -23.12 -9.03
C ARG A 38 -21.84 -22.80 -9.41
N ALA A 39 -21.01 -22.49 -8.40
CA ALA A 39 -19.61 -22.16 -8.65
C ALA A 39 -18.92 -23.39 -9.27
N MET A 40 -19.13 -24.55 -8.65
CA MET A 40 -18.54 -25.80 -9.10
C MET A 40 -19.11 -26.28 -10.45
N LYS A 41 -20.36 -25.94 -10.74
CA LYS A 41 -20.97 -26.33 -12.01
C LYS A 41 -20.41 -25.45 -13.12
N GLU A 42 -20.28 -24.14 -12.86
CA GLU A 42 -19.76 -23.23 -13.90
C GLU A 42 -18.28 -23.41 -14.17
N GLN A 43 -17.55 -23.74 -13.12
CA GLN A 43 -16.12 -23.95 -13.20
C GLN A 43 -15.77 -25.19 -12.39
N PRO A 44 -15.87 -26.39 -13.00
CA PRO A 44 -15.57 -27.67 -12.34
C PRO A 44 -14.16 -27.85 -11.77
N ASP A 45 -13.16 -27.24 -12.42
CA ASP A 45 -11.79 -27.37 -11.94
C ASP A 45 -11.44 -26.44 -10.79
N THR A 46 -12.44 -25.85 -10.16
CA THR A 46 -12.17 -24.96 -9.05
C THR A 46 -11.46 -25.74 -7.95
N LYS A 47 -10.55 -25.08 -7.23
CA LYS A 47 -9.82 -25.73 -6.14
C LYS A 47 -9.94 -24.94 -4.83
N LEU A 48 -10.34 -23.68 -4.93
CA LEU A 48 -10.46 -22.82 -3.78
C LEU A 48 -11.69 -21.94 -3.90
N VAL A 49 -12.52 -21.97 -2.86
CA VAL A 49 -13.76 -21.21 -2.83
C VAL A 49 -13.83 -20.35 -1.58
N VAL A 50 -14.27 -19.10 -1.75
CA VAL A 50 -14.39 -18.18 -0.63
C VAL A 50 -15.81 -17.65 -0.47
N LEU A 51 -16.20 -17.50 0.79
CA LEU A 51 -17.51 -16.96 1.15
C LEU A 51 -17.19 -15.61 1.81
N PRO A 52 -18.17 -14.70 1.88
CA PRO A 52 -17.95 -13.38 2.47
C PRO A 52 -18.12 -13.32 4.00
N GLU A 53 -17.62 -12.24 4.59
CA GLU A 53 -17.68 -12.02 6.02
C GLU A 53 -19.08 -12.12 6.65
N CYS A 54 -19.13 -12.77 7.81
CA CYS A 54 -20.36 -12.99 8.60
C CYS A 54 -21.56 -13.35 7.73
N PHE A 55 -21.36 -14.29 6.81
CA PHE A 55 -22.41 -14.72 5.88
C PHE A 55 -23.59 -15.51 6.44
N ASN A 56 -23.40 -16.25 7.53
CA ASN A 56 -24.46 -17.07 8.10
C ASN A 56 -25.43 -16.36 9.04
N SER A 57 -25.15 -15.10 9.37
CA SER A 57 -26.00 -14.37 10.28
C SER A 57 -26.03 -12.85 10.05
N PRO A 58 -26.92 -12.14 10.76
CA PRO A 58 -27.01 -10.69 10.62
C PRO A 58 -25.69 -9.98 10.95
N TYR A 59 -25.36 -8.95 10.18
CA TYR A 59 -24.14 -8.20 10.40
C TYR A 59 -24.44 -7.05 11.34
N SER A 60 -24.61 -7.37 12.62
CA SER A 60 -24.91 -6.38 13.64
C SER A 60 -24.38 -6.85 14.99
N THR A 61 -23.74 -5.94 15.72
CA THR A 61 -23.16 -6.25 17.03
C THR A 61 -24.15 -6.79 18.07
N ASP A 62 -25.39 -6.33 18.04
CA ASP A 62 -26.36 -6.79 19.02
C ASP A 62 -26.96 -8.16 18.68
N GLN A 63 -26.51 -8.75 17.58
CA GLN A 63 -27.00 -10.06 17.16
C GLN A 63 -25.90 -11.12 17.26
N PHE A 64 -24.65 -10.67 17.20
CA PHE A 64 -23.50 -11.57 17.28
C PHE A 64 -23.63 -12.59 18.38
N ARG A 65 -23.83 -12.10 19.61
CA ARG A 65 -23.99 -12.97 20.76
C ARG A 65 -25.02 -14.03 20.38
N LYS A 66 -26.21 -13.55 20.03
CA LYS A 66 -27.35 -14.39 19.64
C LYS A 66 -27.06 -15.46 18.57
N TYR A 67 -26.27 -15.11 17.56
CA TYR A 67 -25.97 -16.05 16.48
C TYR A 67 -24.60 -16.71 16.54
N SER A 68 -23.80 -16.37 17.55
CA SER A 68 -22.47 -16.95 17.69
C SER A 68 -22.59 -18.45 17.92
N GLU A 69 -23.84 -18.87 18.09
CA GLU A 69 -24.23 -20.26 18.33
C GLU A 69 -23.15 -21.33 17.97
N VAL A 70 -22.25 -21.03 17.02
CA VAL A 70 -21.25 -22.02 16.58
C VAL A 70 -19.96 -21.83 17.35
N ILE A 71 -19.36 -22.95 17.72
CA ILE A 71 -18.08 -22.98 18.44
C ILE A 71 -17.25 -23.98 17.65
N ASN A 72 -15.95 -23.73 17.52
CA ASN A 72 -15.11 -24.62 16.73
C ASN A 72 -14.10 -25.52 17.46
N PRO A 73 -14.26 -26.85 17.36
CA PRO A 73 -13.31 -27.74 18.03
C PRO A 73 -13.12 -28.99 17.19
N LYS A 74 -13.01 -30.12 17.88
CA LYS A 74 -12.88 -31.41 17.23
C LYS A 74 -14.29 -31.75 16.78
N GLU A 75 -15.19 -31.83 17.74
CA GLU A 75 -16.59 -32.14 17.45
C GLU A 75 -17.22 -30.93 16.77
N PRO A 76 -17.75 -31.14 15.55
CA PRO A 76 -18.39 -30.11 14.72
C PRO A 76 -19.39 -29.21 15.43
N SER A 77 -19.98 -28.34 14.63
CA SER A 77 -20.98 -27.36 15.05
C SER A 77 -21.92 -27.23 13.85
N THR A 78 -23.11 -26.70 14.05
CA THR A 78 -24.03 -26.55 12.93
C THR A 78 -23.40 -25.89 11.70
N SER A 79 -22.63 -24.81 11.90
CA SER A 79 -21.98 -24.14 10.76
C SER A 79 -20.68 -24.83 10.38
N VAL A 80 -19.94 -25.30 11.38
CA VAL A 80 -18.67 -26.00 11.13
C VAL A 80 -18.93 -27.30 10.36
N GLN A 81 -20.04 -27.96 10.66
CA GLN A 81 -20.38 -29.20 9.98
C GLN A 81 -20.82 -28.94 8.54
N PHE A 82 -21.72 -27.96 8.38
CA PHE A 82 -22.25 -27.62 7.07
C PHE A 82 -21.13 -27.32 6.07
N LEU A 83 -20.23 -26.42 6.43
CA LEU A 83 -19.13 -26.05 5.53
C LEU A 83 -18.17 -27.22 5.35
N SER A 84 -18.00 -28.00 6.41
CA SER A 84 -17.11 -29.15 6.35
C SER A 84 -17.60 -30.13 5.29
N ASN A 85 -18.90 -30.36 5.23
CA ASN A 85 -19.47 -31.28 4.26
C ASN A 85 -19.40 -30.76 2.85
N LEU A 86 -19.46 -29.44 2.69
CA LEU A 86 -19.35 -28.82 1.36
C LEU A 86 -17.89 -28.90 0.94
N ALA A 87 -17.00 -28.75 1.92
CA ALA A 87 -15.58 -28.81 1.66
C ALA A 87 -15.22 -30.06 0.87
N ASN A 88 -15.42 -31.25 1.45
CA ASN A 88 -15.06 -32.48 0.73
C ASN A 88 -16.03 -32.98 -0.34
N LYS A 89 -17.29 -32.56 -0.31
CA LYS A 89 -18.22 -33.01 -1.35
C LYS A 89 -17.61 -32.60 -2.68
N PHE A 90 -16.96 -31.44 -2.70
CA PHE A 90 -16.29 -30.92 -3.88
C PHE A 90 -14.79 -30.95 -3.56
N LYS A 91 -13.94 -30.89 -4.58
CA LYS A 91 -12.51 -30.92 -4.34
C LYS A 91 -12.16 -29.83 -3.36
N ILE A 92 -12.49 -28.61 -3.77
CA ILE A 92 -12.26 -27.37 -3.07
C ILE A 92 -11.82 -27.25 -1.61
N ILE A 93 -11.03 -26.21 -1.38
CA ILE A 93 -10.52 -25.82 -0.08
C ILE A 93 -11.48 -24.68 0.14
N LEU A 94 -12.26 -24.73 1.21
CA LEU A 94 -13.26 -23.70 1.48
C LEU A 94 -12.92 -22.77 2.64
N VAL A 95 -12.84 -21.48 2.33
CA VAL A 95 -12.58 -20.47 3.34
C VAL A 95 -13.98 -20.04 3.79
N GLY A 96 -14.48 -20.65 4.86
CA GLY A 96 -15.82 -20.34 5.36
C GLY A 96 -16.21 -18.87 5.55
N GLY A 97 -15.25 -17.99 5.33
CA GLY A 97 -15.49 -16.57 5.40
C GLY A 97 -16.18 -15.94 6.61
N THR A 98 -15.62 -16.15 7.80
CA THR A 98 -16.18 -15.56 9.01
C THR A 98 -17.63 -15.88 9.43
N ILE A 99 -17.77 -16.21 10.72
CA ILE A 99 -19.06 -16.50 11.35
C ILE A 99 -18.88 -16.10 12.82
N PRO A 100 -19.95 -15.68 13.49
CA PRO A 100 -19.81 -15.29 14.90
C PRO A 100 -19.33 -16.48 15.70
N GLU A 101 -18.28 -16.29 16.48
CA GLU A 101 -17.76 -17.39 17.29
C GLU A 101 -17.90 -17.11 18.78
N LEU A 102 -18.14 -18.17 19.55
CA LEU A 102 -18.25 -18.07 21.00
C LEU A 102 -17.27 -19.06 21.60
N ASP A 103 -16.43 -18.58 22.52
CA ASP A 103 -15.49 -19.46 23.16
C ASP A 103 -16.14 -19.97 24.43
N PRO A 104 -16.33 -21.29 24.54
CA PRO A 104 -16.95 -21.93 25.70
C PRO A 104 -16.32 -21.53 27.03
N LYS A 105 -14.99 -21.52 27.08
CA LYS A 105 -14.29 -21.17 28.30
C LYS A 105 -14.42 -19.69 28.65
N THR A 106 -13.60 -18.87 27.99
CA THR A 106 -13.57 -17.42 28.22
C THR A 106 -14.91 -16.73 28.03
N ASP A 107 -15.85 -17.41 27.38
CA ASP A 107 -17.19 -16.87 27.14
C ASP A 107 -17.13 -15.62 26.24
N LYS A 108 -16.00 -15.42 25.58
CA LYS A 108 -15.86 -14.28 24.69
C LYS A 108 -16.37 -14.68 23.31
N ILE A 109 -16.88 -13.72 22.55
CA ILE A 109 -17.35 -14.01 21.20
C ILE A 109 -16.47 -13.27 20.20
N TYR A 110 -16.00 -13.99 19.19
CA TYR A 110 -15.13 -13.43 18.15
C TYR A 110 -15.76 -13.48 16.77
N ASN A 111 -15.04 -12.93 15.79
CA ASN A 111 -15.47 -12.95 14.40
C ASN A 111 -14.34 -13.74 13.73
N THR A 112 -14.58 -15.02 13.49
CA THR A 112 -13.54 -15.87 12.93
C THR A 112 -13.85 -16.46 11.56
N SER A 113 -12.81 -16.60 10.74
CA SER A 113 -12.93 -17.19 9.41
C SER A 113 -12.43 -18.63 9.55
N ILE A 114 -13.30 -19.58 9.25
CA ILE A 114 -12.91 -20.98 9.36
C ILE A 114 -12.47 -21.55 8.01
N ILE A 115 -11.30 -22.18 7.98
CA ILE A 115 -10.78 -22.75 6.74
C ILE A 115 -10.76 -24.26 6.74
N PHE A 116 -11.27 -24.85 5.67
CA PHE A 116 -11.33 -26.30 5.52
C PHE A 116 -10.48 -26.76 4.35
N ASN A 117 -10.22 -28.07 4.29
CA ASN A 117 -9.43 -28.64 3.21
C ASN A 117 -10.32 -29.50 2.32
N GLU A 118 -9.72 -30.10 1.31
CA GLU A 118 -10.44 -30.90 0.34
C GLU A 118 -11.12 -32.16 0.85
N ASP A 119 -10.81 -32.57 2.09
CA ASP A 119 -11.43 -33.74 2.69
C ASP A 119 -12.46 -33.32 3.72
N GLY A 120 -12.46 -32.02 4.02
CA GLY A 120 -13.41 -31.48 4.99
C GLY A 120 -12.84 -31.20 6.36
N LYS A 121 -11.54 -31.33 6.54
CA LYS A 121 -10.94 -31.09 7.86
C LYS A 121 -10.71 -29.60 8.12
N LEU A 122 -11.10 -29.15 9.31
CA LEU A 122 -10.92 -27.76 9.69
C LEU A 122 -9.44 -27.50 9.93
N ILE A 123 -8.75 -27.08 8.88
CA ILE A 123 -7.32 -26.77 8.93
C ILE A 123 -6.96 -25.74 9.99
N ASP A 124 -7.24 -24.48 9.71
CA ASP A 124 -6.92 -23.37 10.61
C ASP A 124 -8.16 -22.47 10.76
N LYS A 125 -7.97 -21.37 11.45
CA LYS A 125 -9.03 -20.40 11.64
C LYS A 125 -8.38 -19.09 12.02
N HIS A 126 -9.04 -17.98 11.71
CA HIS A 126 -8.52 -16.67 11.99
C HIS A 126 -9.49 -15.77 12.74
N ARG A 127 -9.12 -15.37 13.96
CA ARG A 127 -9.95 -14.47 14.73
C ARG A 127 -9.49 -13.08 14.32
N LYS A 128 -10.45 -12.24 13.95
CA LYS A 128 -10.17 -10.87 13.54
C LYS A 128 -9.27 -10.20 14.58
N VAL A 129 -8.07 -9.84 14.15
CA VAL A 129 -7.10 -9.18 15.03
C VAL A 129 -7.55 -7.75 15.29
N HIS A 130 -7.33 -6.88 14.30
CA HIS A 130 -7.68 -5.47 14.39
C HIS A 130 -9.18 -5.20 14.24
N LEU A 131 -9.78 -4.58 15.25
CA LEU A 131 -11.20 -4.28 15.21
C LEU A 131 -11.55 -2.98 15.92
N PHE A 142 -18.54 2.47 18.70
CA PHE A 142 -17.68 1.85 19.70
C PHE A 142 -18.03 0.37 19.90
N HIS A 143 -19.32 0.08 20.00
CA HIS A 143 -19.83 -1.28 20.20
C HIS A 143 -19.04 -2.31 19.41
N GLU A 144 -18.57 -1.89 18.23
CA GLU A 144 -17.79 -2.76 17.35
C GLU A 144 -16.63 -3.44 18.07
N SER A 145 -16.29 -2.93 19.25
CA SER A 145 -15.21 -3.48 20.04
C SER A 145 -15.74 -3.78 21.45
N GLU A 146 -16.99 -3.41 21.67
CA GLU A 146 -17.66 -3.61 22.95
C GLU A 146 -18.57 -4.83 22.91
N THR A 147 -18.47 -5.61 21.83
CA THR A 147 -19.27 -6.82 21.69
C THR A 147 -18.35 -7.99 21.32
N LEU A 148 -17.30 -7.70 20.58
CA LEU A 148 -16.36 -8.74 20.16
C LEU A 148 -15.00 -8.57 20.80
N SER A 149 -14.24 -9.66 20.81
CA SER A 149 -12.89 -9.65 21.36
C SER A 149 -11.92 -9.82 20.18
N PRO A 150 -10.67 -9.37 20.35
CA PRO A 150 -9.66 -9.47 19.29
C PRO A 150 -8.87 -10.78 19.24
N GLY A 151 -8.33 -11.10 18.07
CA GLY A 151 -7.52 -12.28 17.88
C GLY A 151 -6.08 -11.93 18.16
N GLU A 152 -5.18 -12.90 18.16
CA GLU A 152 -3.77 -12.61 18.45
C GLU A 152 -2.79 -13.35 17.57
N LYS A 153 -3.30 -14.21 16.71
CA LYS A 153 -2.44 -14.98 15.83
C LYS A 153 -2.55 -14.51 14.39
N SER A 154 -1.46 -14.65 13.64
CA SER A 154 -1.46 -14.28 12.23
C SER A 154 -1.81 -15.61 11.61
N THR A 155 -2.67 -15.62 10.60
CA THR A 155 -3.08 -16.88 10.00
C THR A 155 -2.55 -17.15 8.59
N THR A 156 -1.69 -18.16 8.47
CA THR A 156 -1.14 -18.53 7.17
C THR A 156 -1.36 -20.03 7.00
N ILE A 157 -2.45 -20.40 6.32
CA ILE A 157 -2.81 -21.81 6.10
C ILE A 157 -1.92 -22.52 5.11
N ASP A 158 -1.58 -23.77 5.42
CA ASP A 158 -0.76 -24.56 4.51
C ASP A 158 -1.71 -25.37 3.65
N THR A 159 -1.36 -25.49 2.38
CA THR A 159 -2.17 -26.22 1.42
C THR A 159 -1.27 -26.98 0.45
N LYS A 160 -1.79 -28.03 -0.17
CA LYS A 160 -1.04 -28.85 -1.11
C LYS A 160 -0.59 -28.09 -2.35
N TYR A 161 -0.96 -26.81 -2.45
CA TYR A 161 -0.56 -26.02 -3.61
C TYR A 161 0.40 -24.93 -3.19
N GLY A 162 0.37 -24.62 -1.89
CA GLY A 162 1.22 -23.58 -1.37
C GLY A 162 0.53 -23.00 -0.13
N LYS A 163 1.02 -21.88 0.36
CA LYS A 163 0.43 -21.25 1.54
C LYS A 163 -0.26 -19.96 1.18
N PHE A 164 -1.32 -19.64 1.93
CA PHE A 164 -2.04 -18.39 1.71
C PHE A 164 -2.49 -17.78 3.04
N GLY A 165 -2.42 -16.45 3.13
CA GLY A 165 -2.82 -15.77 4.35
C GLY A 165 -4.30 -15.46 4.34
N VAL A 166 -4.87 -15.25 5.52
CA VAL A 166 -6.29 -14.92 5.68
C VAL A 166 -6.42 -13.82 6.73
N GLY A 167 -7.14 -12.76 6.38
CA GLY A 167 -7.34 -11.66 7.31
C GLY A 167 -8.80 -11.25 7.23
N ILE A 168 -9.27 -10.45 8.17
CA ILE A 168 -10.66 -10.05 8.12
C ILE A 168 -10.91 -8.53 8.17
N CYS A 169 -11.75 -8.09 7.23
CA CYS A 169 -12.19 -6.71 7.08
C CYS A 169 -11.16 -5.66 7.46
N TYR A 170 -11.28 -5.14 8.67
CA TYR A 170 -10.38 -4.08 9.18
C TYR A 170 -8.92 -4.52 9.15
N ASP A 171 -8.69 -5.82 9.05
CA ASP A 171 -7.33 -6.35 9.02
C ASP A 171 -6.54 -5.97 7.78
N MET A 172 -7.22 -5.64 6.70
CA MET A 172 -6.48 -5.30 5.49
C MET A 172 -5.85 -3.93 5.57
N ARG A 173 -6.27 -3.15 6.57
CA ARG A 173 -5.72 -1.82 6.74
C ARG A 173 -4.37 -1.84 7.44
N PHE A 174 -3.91 -3.03 7.81
CA PHE A 174 -2.61 -3.14 8.46
C PHE A 174 -1.72 -4.05 7.62
N PRO A 175 -0.71 -3.48 6.94
CA PRO A 175 0.23 -4.21 6.09
C PRO A 175 1.04 -5.29 6.78
N GLU A 176 1.17 -5.19 8.10
CA GLU A 176 1.92 -6.21 8.80
C GLU A 176 1.36 -7.61 8.53
N LEU A 177 0.03 -7.76 8.54
CA LEU A 177 -0.61 -9.05 8.36
C LEU A 177 -0.28 -9.62 7.04
N ALA A 178 -0.13 -8.76 6.04
CA ALA A 178 0.21 -9.24 4.70
C ALA A 178 1.68 -9.59 4.54
N MET A 179 2.53 -8.66 4.92
CA MET A 179 3.96 -8.86 4.84
C MET A 179 4.31 -10.19 5.50
N LEU A 180 3.73 -10.41 6.67
CA LEU A 180 3.94 -11.60 7.47
C LEU A 180 3.63 -12.89 6.71
N SER A 181 2.37 -13.07 6.33
CA SER A 181 1.95 -14.27 5.58
C SER A 181 2.66 -14.40 4.25
N ALA A 182 2.95 -13.26 3.62
CA ALA A 182 3.59 -13.23 2.30
C ALA A 182 5.04 -13.66 2.31
N ARG A 183 5.81 -13.10 3.24
CA ARG A 183 7.22 -13.45 3.33
C ARG A 183 7.41 -14.87 3.85
N LYS A 184 6.37 -15.45 4.45
CA LYS A 184 6.46 -16.83 4.92
C LYS A 184 6.32 -17.77 3.72
N GLY A 185 5.95 -17.21 2.57
CA GLY A 185 5.81 -18.03 1.38
C GLY A 185 4.44 -18.02 0.74
N ALA A 186 3.50 -17.30 1.32
CA ALA A 186 2.14 -17.23 0.79
C ALA A 186 2.08 -16.70 -0.64
N PHE A 187 1.20 -17.28 -1.44
CA PHE A 187 1.02 -16.88 -2.82
C PHE A 187 -0.22 -15.99 -2.95
N ALA A 188 -0.90 -15.78 -1.83
CA ALA A 188 -2.09 -14.95 -1.81
C ALA A 188 -2.53 -14.62 -0.39
N MET A 189 -3.16 -13.45 -0.24
CA MET A 189 -3.70 -13.02 1.03
C MET A 189 -5.19 -12.91 0.75
N ILE A 190 -5.99 -13.70 1.45
CA ILE A 190 -7.42 -13.67 1.23
C ILE A 190 -8.09 -12.94 2.40
N TYR A 191 -9.00 -12.04 2.07
CA TYR A 191 -9.70 -11.27 3.09
C TYR A 191 -11.21 -11.27 2.98
N PRO A 192 -11.91 -11.98 3.88
CA PRO A 192 -13.36 -11.94 3.78
C PRO A 192 -13.71 -10.58 4.42
N SER A 193 -14.25 -9.64 3.67
CA SER A 193 -14.56 -8.35 4.27
C SER A 193 -15.86 -7.75 3.81
N ALA A 194 -16.31 -6.72 4.51
CA ALA A 194 -17.56 -6.08 4.14
C ALA A 194 -17.51 -4.59 4.35
N PHE A 195 -16.94 -3.87 3.39
CA PHE A 195 -16.91 -2.41 3.53
C PHE A 195 -18.30 -1.92 3.18
N ASN A 196 -18.53 -0.63 3.34
CA ASN A 196 -19.82 -0.07 3.03
C ASN A 196 -19.76 0.98 1.92
N THR A 197 -20.94 1.42 1.51
CA THR A 197 -21.08 2.38 0.45
C THR A 197 -20.29 3.67 0.64
N VAL A 198 -19.76 3.89 1.83
CA VAL A 198 -18.98 5.08 2.10
C VAL A 198 -17.47 4.80 2.15
N THR A 199 -17.09 3.82 2.95
CA THR A 199 -15.69 3.46 3.10
C THR A 199 -15.17 2.73 1.84
N GLY A 200 -16.05 1.97 1.19
CA GLY A 200 -15.68 1.20 0.02
C GLY A 200 -15.07 1.96 -1.14
N PRO A 201 -15.81 2.93 -1.69
CA PRO A 201 -15.35 3.76 -2.80
C PRO A 201 -14.00 4.44 -2.51
N LEU A 202 -13.72 4.68 -1.24
CA LEU A 202 -12.50 5.36 -0.82
C LEU A 202 -11.25 4.47 -0.77
N HIS A 203 -11.33 3.35 -0.06
CA HIS A 203 -10.14 2.52 0.11
C HIS A 203 -10.07 1.10 -0.41
N TRP A 204 -11.23 0.49 -0.68
CA TRP A 204 -11.29 -0.93 -1.12
C TRP A 204 -10.34 -1.33 -2.26
N HIS A 205 -10.47 -0.69 -3.41
CA HIS A 205 -9.61 -1.02 -4.53
C HIS A 205 -8.16 -0.79 -4.20
N LEU A 206 -7.88 0.34 -3.56
CA LEU A 206 -6.53 0.71 -3.18
C LEU A 206 -5.85 -0.33 -2.31
N LEU A 207 -6.46 -0.65 -1.18
CA LEU A 207 -5.87 -1.62 -0.28
C LEU A 207 -5.64 -2.95 -1.00
N ALA A 208 -6.68 -3.49 -1.64
CA ALA A 208 -6.54 -4.74 -2.36
C ALA A 208 -5.28 -4.71 -3.22
N ARG A 209 -5.23 -3.77 -4.16
CA ARG A 209 -4.09 -3.64 -5.06
C ARG A 209 -2.78 -3.25 -4.38
N SER A 210 -2.89 -2.58 -3.24
CA SER A 210 -1.70 -2.17 -2.51
C SER A 210 -1.00 -3.35 -1.84
N ARG A 211 -1.79 -4.22 -1.20
CA ARG A 211 -1.25 -5.39 -0.51
C ARG A 211 -0.69 -6.43 -1.48
N ALA A 212 -1.15 -6.38 -2.73
CA ALA A 212 -0.72 -7.32 -3.77
C ALA A 212 0.58 -6.92 -4.43
N VAL A 213 0.74 -5.64 -4.69
CA VAL A 213 1.96 -5.12 -5.33
C VAL A 213 3.09 -4.98 -4.32
N ASP A 214 2.75 -4.66 -3.08
CA ASP A 214 3.78 -4.51 -2.05
C ASP A 214 4.37 -5.86 -1.67
N ASN A 215 3.53 -6.90 -1.65
CA ASN A 215 4.01 -8.23 -1.30
C ASN A 215 4.15 -9.11 -2.55
N GLN A 216 3.73 -8.59 -3.71
CA GLN A 216 3.76 -9.31 -4.98
C GLN A 216 3.13 -10.68 -4.84
N VAL A 217 1.93 -10.72 -4.27
CA VAL A 217 1.18 -11.95 -4.08
C VAL A 217 -0.19 -11.68 -4.64
N TYR A 218 -1.04 -12.71 -4.69
CA TYR A 218 -2.39 -12.52 -5.18
C TYR A 218 -3.21 -12.05 -3.99
N VAL A 219 -4.25 -11.27 -4.25
CA VAL A 219 -5.12 -10.79 -3.18
C VAL A 219 -6.56 -10.94 -3.63
N MET A 220 -7.35 -11.56 -2.78
CA MET A 220 -8.75 -11.81 -3.04
C MET A 220 -9.58 -11.17 -1.92
N LEU A 221 -10.56 -10.37 -2.29
CA LEU A 221 -11.42 -9.75 -1.30
C LEU A 221 -12.84 -10.24 -1.59
N CYS A 222 -13.46 -10.88 -0.61
CA CYS A 222 -14.81 -11.38 -0.77
C CYS A 222 -15.79 -10.60 0.09
N SER A 223 -16.62 -9.82 -0.56
CA SER A 223 -17.61 -9.01 0.14
C SER A 223 -19.01 -9.59 0.01
N PRO A 224 -19.90 -9.23 0.95
CA PRO A 224 -21.28 -9.71 0.90
C PRO A 224 -21.95 -8.87 -0.18
N ALA A 225 -23.10 -9.33 -0.66
CA ALA A 225 -23.78 -8.54 -1.67
C ALA A 225 -24.35 -7.33 -0.96
N ARG A 226 -24.34 -6.19 -1.65
CA ARG A 226 -24.89 -4.98 -1.08
C ARG A 226 -26.39 -5.20 -0.87
N ASN A 227 -26.82 -5.15 0.39
CA ASN A 227 -28.25 -5.28 0.71
C ASN A 227 -28.75 -3.95 1.27
N LEU A 228 -29.47 -3.21 0.46
CA LEU A 228 -29.99 -1.91 0.85
C LEU A 228 -31.18 -2.01 1.81
N GLN A 229 -31.58 -3.23 2.11
CA GLN A 229 -32.70 -3.44 3.02
C GLN A 229 -32.21 -3.67 4.43
N SER A 230 -30.89 -3.64 4.63
CA SER A 230 -30.36 -3.85 5.96
C SER A 230 -29.74 -2.57 6.53
N SER A 231 -29.30 -2.65 7.78
CA SER A 231 -28.69 -1.52 8.46
C SER A 231 -27.35 -1.22 7.79
N TYR A 232 -26.63 -2.28 7.45
CA TYR A 232 -25.32 -2.18 6.81
C TYR A 232 -25.43 -2.38 5.30
N HIS A 233 -24.90 -1.41 4.55
CA HIS A 233 -24.93 -1.46 3.09
C HIS A 233 -23.54 -1.83 2.56
N ALA A 234 -23.33 -3.11 2.39
CA ALA A 234 -22.07 -3.64 1.91
C ALA A 234 -21.72 -3.00 0.59
N TYR A 235 -20.43 -2.79 0.38
CA TYR A 235 -19.92 -2.19 -0.83
C TYR A 235 -19.98 -3.14 -2.01
N GLY A 236 -19.64 -4.40 -1.74
CA GLY A 236 -19.63 -5.42 -2.78
C GLY A 236 -18.25 -5.35 -3.43
N HIS A 237 -18.24 -5.53 -4.75
CA HIS A 237 -17.00 -5.49 -5.51
C HIS A 237 -15.94 -6.49 -5.03
N SER A 238 -16.35 -7.73 -4.79
CA SER A 238 -15.36 -8.73 -4.42
C SER A 238 -14.40 -8.73 -5.61
N ILE A 239 -13.10 -8.77 -5.35
CA ILE A 239 -12.11 -8.79 -6.42
C ILE A 239 -10.94 -9.72 -6.18
N VAL A 240 -10.19 -9.94 -7.25
CA VAL A 240 -8.99 -10.76 -7.23
C VAL A 240 -8.07 -9.86 -8.03
N VAL A 241 -6.92 -9.51 -7.47
CA VAL A 241 -5.95 -8.68 -8.17
C VAL A 241 -4.68 -9.54 -8.24
N ASP A 242 -3.91 -9.40 -9.32
CA ASP A 242 -2.70 -10.18 -9.46
C ASP A 242 -1.46 -9.52 -8.86
N PRO A 243 -0.34 -10.25 -8.80
CA PRO A 243 0.92 -9.74 -8.24
C PRO A 243 1.40 -8.35 -8.67
N ARG A 244 0.95 -7.85 -9.81
CA ARG A 244 1.40 -6.53 -10.25
C ARG A 244 0.41 -5.38 -10.02
N GLY A 245 -0.78 -5.69 -9.49
CA GLY A 245 -1.77 -4.65 -9.24
C GLY A 245 -3.00 -4.75 -10.12
N LYS A 246 -2.92 -5.62 -11.11
CA LYS A 246 -4.01 -5.80 -12.06
C LYS A 246 -5.20 -6.52 -11.44
N ILE A 247 -6.39 -5.99 -11.69
CA ILE A 247 -7.60 -6.61 -11.20
C ILE A 247 -8.01 -7.58 -12.29
N VAL A 248 -7.94 -8.87 -11.98
CA VAL A 248 -8.29 -9.92 -12.91
C VAL A 248 -9.75 -10.38 -12.81
N ALA A 249 -10.38 -10.08 -11.67
CA ALA A 249 -11.77 -10.45 -11.46
C ALA A 249 -12.43 -9.42 -10.52
N GLU A 250 -13.69 -9.11 -10.77
CA GLU A 250 -14.39 -8.15 -9.93
C GLU A 250 -15.90 -8.18 -10.04
N ALA A 251 -16.58 -8.22 -8.90
CA ALA A 251 -18.03 -8.23 -8.87
C ALA A 251 -18.58 -6.81 -8.83
N GLY A 252 -19.89 -6.69 -9.02
CA GLY A 252 -20.54 -5.41 -8.93
C GLY A 252 -21.07 -5.31 -7.52
N GLU A 253 -22.22 -4.69 -7.32
CA GLU A 253 -22.79 -4.59 -5.99
C GLU A 253 -23.71 -5.75 -5.68
N GLY A 254 -24.39 -6.25 -6.70
CA GLY A 254 -25.33 -7.34 -6.53
C GLY A 254 -24.74 -8.66 -6.09
N GLU A 255 -25.59 -9.69 -6.00
CA GLU A 255 -25.18 -11.03 -5.59
C GLU A 255 -24.65 -11.78 -6.79
N GLU A 256 -23.43 -12.31 -6.69
CA GLU A 256 -22.85 -13.05 -7.81
C GLU A 256 -21.58 -13.80 -7.45
N ILE A 257 -21.09 -14.58 -8.42
CA ILE A 257 -19.86 -15.39 -8.26
C ILE A 257 -18.85 -14.94 -9.31
N ILE A 258 -17.63 -14.63 -8.89
CA ILE A 258 -16.61 -14.27 -9.87
C ILE A 258 -15.57 -15.38 -9.85
N TYR A 259 -14.77 -15.45 -10.90
CA TYR A 259 -13.75 -16.50 -11.05
C TYR A 259 -12.42 -15.99 -11.55
N ALA A 260 -11.35 -16.65 -11.12
CA ALA A 260 -10.02 -16.28 -11.55
C ALA A 260 -9.14 -17.53 -11.61
N GLU A 261 -7.89 -17.35 -12.03
CA GLU A 261 -6.94 -18.45 -12.08
C GLU A 261 -5.61 -17.88 -11.62
N LEU A 262 -5.07 -18.46 -10.55
CA LEU A 262 -3.79 -18.00 -10.01
C LEU A 262 -2.69 -18.75 -10.74
N ASP A 263 -1.91 -18.03 -11.54
CA ASP A 263 -0.82 -18.63 -12.31
C ASP A 263 0.50 -18.44 -11.59
N PRO A 264 1.28 -19.52 -11.47
CA PRO A 264 2.57 -19.34 -10.78
C PRO A 264 3.58 -18.58 -11.66
N GLU A 265 3.35 -18.56 -12.97
CA GLU A 265 4.25 -17.86 -13.89
C GLU A 265 4.06 -16.36 -13.79
N VAL A 266 2.84 -15.93 -13.48
CA VAL A 266 2.56 -14.51 -13.32
C VAL A 266 3.33 -13.99 -12.10
N ILE A 267 3.17 -14.66 -10.97
CA ILE A 267 3.84 -14.27 -9.75
C ILE A 267 5.34 -14.19 -9.99
N GLU A 268 5.88 -15.26 -10.56
CA GLU A 268 7.31 -15.32 -10.83
C GLU A 268 7.75 -14.24 -11.81
N SER A 269 7.12 -14.18 -12.98
CA SER A 269 7.45 -13.21 -14.00
C SER A 269 7.56 -11.80 -13.42
N PHE A 270 6.67 -11.45 -12.50
CA PHE A 270 6.69 -10.12 -11.93
C PHE A 270 7.59 -9.98 -10.71
N ARG A 271 8.06 -11.10 -10.18
CA ARG A 271 8.96 -11.08 -9.04
C ARG A 271 10.36 -10.90 -9.60
N GLN A 272 10.55 -11.42 -10.81
CA GLN A 272 11.83 -11.31 -11.48
C GLN A 272 11.98 -9.83 -11.79
N ALA A 273 10.92 -9.27 -12.37
CA ALA A 273 10.88 -7.86 -12.75
C ALA A 273 11.20 -6.92 -11.58
N VAL A 274 10.37 -6.94 -10.54
CA VAL A 274 10.59 -6.09 -9.39
C VAL A 274 11.02 -6.92 -8.18
N PRO A 275 12.33 -7.19 -8.03
CA PRO A 275 12.87 -7.97 -6.92
C PRO A 275 12.39 -7.65 -5.50
N LEU A 276 12.25 -8.72 -4.73
CA LEU A 276 11.81 -8.62 -3.35
C LEU A 276 13.04 -8.69 -2.46
N THR A 277 14.18 -8.25 -2.98
CA THR A 277 15.41 -8.25 -2.18
C THR A 277 15.53 -6.86 -1.58
N LYS A 278 15.12 -6.79 -0.31
CA LYS A 278 15.09 -5.56 0.45
C LYS A 278 16.33 -5.41 1.32
N GLN A 279 16.79 -4.18 1.53
CA GLN A 279 17.96 -3.97 2.37
C GLN A 279 17.45 -4.01 3.80
N ARG A 280 17.37 -5.23 4.34
CA ARG A 280 16.86 -5.45 5.68
C ARG A 280 17.50 -4.62 6.78
N ARG A 281 18.53 -3.84 6.45
CA ARG A 281 19.17 -3.00 7.46
C ARG A 281 18.32 -1.76 7.76
N PHE A 282 17.16 -2.02 8.39
CA PHE A 282 16.20 -1.00 8.79
C PHE A 282 15.02 -1.65 9.50
N SER B 2 -5.56 18.93 15.15
CA SER B 2 -6.33 19.94 14.41
C SER B 2 -5.63 21.30 14.42
N ALA B 3 -4.41 21.29 14.93
CA ALA B 3 -3.56 22.48 15.03
C ALA B 3 -2.30 22.13 15.84
N SER B 4 -1.20 21.96 15.12
CA SER B 4 0.11 21.65 15.72
C SER B 4 0.21 20.41 16.62
N LYS B 5 0.66 19.31 16.03
CA LYS B 5 0.87 18.04 16.73
C LYS B 5 1.94 17.29 15.94
N ILE B 6 1.61 17.01 14.68
CA ILE B 6 2.52 16.31 13.77
C ILE B 6 2.93 17.39 12.77
N LEU B 7 2.04 18.37 12.59
CA LEU B 7 2.22 19.50 11.69
C LEU B 7 1.75 20.75 12.43
N SER B 8 2.69 21.64 12.76
CA SER B 8 2.34 22.84 13.52
C SER B 8 1.27 23.74 12.91
N GLN B 9 1.48 24.16 11.67
CA GLN B 9 0.53 25.04 11.01
C GLN B 9 0.24 24.52 9.62
N LYS B 10 -0.63 25.20 8.91
CA LYS B 10 -0.94 24.81 7.55
C LYS B 10 0.20 25.35 6.70
N ILE B 11 0.91 24.48 6.00
CA ILE B 11 2.00 24.95 5.15
C ILE B 11 1.74 24.63 3.70
N LYS B 12 1.90 25.64 2.85
CA LYS B 12 1.71 25.44 1.43
C LYS B 12 3.01 24.96 0.83
N VAL B 13 2.92 24.06 -0.15
CA VAL B 13 4.11 23.52 -0.79
C VAL B 13 4.07 23.63 -2.30
N ALA B 14 5.23 23.44 -2.93
CA ALA B 14 5.35 23.50 -4.38
C ALA B 14 6.32 22.45 -4.91
N LEU B 15 5.80 21.60 -5.80
CA LEU B 15 6.60 20.57 -6.45
C LEU B 15 6.99 21.13 -7.82
N VAL B 16 8.27 21.08 -8.16
CA VAL B 16 8.71 21.62 -9.45
C VAL B 16 9.07 20.52 -10.46
N GLN B 17 8.12 20.17 -11.32
CA GLN B 17 8.33 19.16 -12.35
C GLN B 17 9.17 19.77 -13.47
N LEU B 18 10.46 19.96 -13.17
CA LEU B 18 11.41 20.56 -14.08
C LEU B 18 11.86 19.60 -15.18
N SER B 19 12.23 20.20 -16.30
CA SER B 19 12.73 19.45 -17.42
C SER B 19 14.17 19.90 -17.50
N GLY B 20 14.96 19.46 -16.52
CA GLY B 20 16.36 19.80 -16.49
C GLY B 20 17.11 18.58 -17.02
N SER B 21 18.16 18.20 -16.29
CA SER B 21 18.98 17.03 -16.62
C SER B 21 19.72 17.07 -17.96
N SER B 22 19.91 18.26 -18.53
CA SER B 22 20.62 18.39 -19.81
C SER B 22 22.13 18.27 -19.52
N PRO B 23 22.94 18.07 -20.57
CA PRO B 23 24.39 17.94 -20.38
C PRO B 23 25.02 19.15 -19.72
N ASP B 24 24.38 20.30 -19.87
CA ASP B 24 24.91 21.52 -19.24
C ASP B 24 24.34 21.70 -17.84
N LYS B 25 25.16 21.38 -16.84
CA LYS B 25 24.79 21.47 -15.43
C LYS B 25 24.34 22.88 -15.01
N MET B 26 25.15 23.88 -15.37
CA MET B 26 24.88 25.27 -15.07
C MET B 26 23.50 25.67 -15.55
N ALA B 27 23.19 25.24 -16.76
CA ALA B 27 21.91 25.56 -17.37
C ALA B 27 20.79 24.88 -16.61
N ASN B 28 21.07 23.70 -16.06
CA ASN B 28 20.09 22.94 -15.28
C ASN B 28 19.79 23.67 -13.98
N LEU B 29 20.84 24.03 -13.25
CA LEU B 29 20.69 24.77 -12.01
C LEU B 29 19.93 26.07 -12.28
N GLN B 30 20.42 26.82 -13.27
CA GLN B 30 19.82 28.09 -13.65
C GLN B 30 18.31 27.95 -13.86
N ARG B 31 17.91 26.87 -14.53
CA ARG B 31 16.51 26.61 -14.83
C ARG B 31 15.75 26.24 -13.55
N ALA B 32 16.40 25.48 -12.68
CA ALA B 32 15.79 25.11 -11.41
C ALA B 32 15.57 26.40 -10.60
N ALA B 33 16.47 27.37 -10.80
CA ALA B 33 16.37 28.64 -10.10
C ALA B 33 15.18 29.42 -10.67
N THR B 34 15.15 29.56 -11.99
CA THR B 34 14.07 30.25 -12.68
C THR B 34 12.71 29.75 -12.23
N PHE B 35 12.53 28.42 -12.25
CA PHE B 35 11.26 27.84 -11.85
C PHE B 35 10.89 27.96 -10.37
N ILE B 36 11.88 28.09 -9.50
CA ILE B 36 11.57 28.22 -8.10
C ILE B 36 11.16 29.68 -7.83
N GLU B 37 11.68 30.60 -8.65
CA GLU B 37 11.31 32.00 -8.54
C GLU B 37 9.83 32.10 -8.92
N ARG B 38 9.42 31.40 -9.98
CA ARG B 38 8.01 31.42 -10.39
C ARG B 38 7.12 30.80 -9.32
N ALA B 39 7.64 29.80 -8.62
CA ALA B 39 6.88 29.12 -7.58
C ALA B 39 6.56 30.14 -6.47
N MET B 40 7.60 30.80 -5.99
CA MET B 40 7.46 31.80 -4.93
C MET B 40 6.63 33.02 -5.37
N LYS B 41 6.69 33.37 -6.65
CA LYS B 41 5.92 34.50 -7.16
C LYS B 41 4.43 34.12 -7.21
N GLU B 42 4.11 32.94 -7.75
CA GLU B 42 2.70 32.52 -7.84
C GLU B 42 2.09 32.22 -6.48
N GLN B 43 2.90 31.73 -5.56
CA GLN B 43 2.47 31.39 -4.22
C GLN B 43 3.54 31.84 -3.22
N PRO B 44 3.47 33.12 -2.81
CA PRO B 44 4.43 33.72 -1.87
C PRO B 44 4.53 33.06 -0.49
N ASP B 45 3.42 32.50 0.01
CA ASP B 45 3.46 31.87 1.34
C ASP B 45 3.98 30.45 1.32
N THR B 46 4.64 30.04 0.24
CA THR B 46 5.18 28.69 0.17
C THR B 46 6.22 28.53 1.26
N LYS B 47 6.29 27.34 1.85
CA LYS B 47 7.25 27.07 2.91
C LYS B 47 8.16 25.91 2.56
N LEU B 48 7.69 25.08 1.63
CA LEU B 48 8.44 23.90 1.23
C LEU B 48 8.42 23.72 -0.28
N VAL B 49 9.60 23.53 -0.86
CA VAL B 49 9.73 23.37 -2.29
C VAL B 49 10.53 22.12 -2.62
N VAL B 50 10.06 21.37 -3.60
CA VAL B 50 10.75 20.15 -4.02
C VAL B 50 11.16 20.19 -5.49
N LEU B 51 12.34 19.66 -5.77
CA LEU B 51 12.85 19.53 -7.14
C LEU B 51 12.78 18.02 -7.43
N PRO B 52 12.81 17.62 -8.70
CA PRO B 52 12.74 16.21 -9.09
C PRO B 52 14.11 15.52 -9.08
N GLU B 53 14.10 14.20 -9.06
CA GLU B 53 15.30 13.38 -9.03
C GLU B 53 16.34 13.66 -10.14
N CYS B 54 17.61 13.64 -9.74
CA CYS B 54 18.75 13.88 -10.62
C CYS B 54 18.52 15.03 -11.60
N PHE B 55 18.04 16.16 -11.09
CA PHE B 55 17.72 17.32 -11.90
C PHE B 55 18.88 18.14 -12.49
N ASN B 56 20.05 18.10 -11.85
CA ASN B 56 21.19 18.88 -12.31
C ASN B 56 22.06 18.21 -13.38
N SER B 57 21.76 16.95 -13.70
CA SER B 57 22.56 16.23 -14.69
C SER B 57 21.80 15.16 -15.48
N PRO B 58 22.45 14.57 -16.49
CA PRO B 58 21.80 13.53 -17.30
C PRO B 58 21.40 12.31 -16.47
N TYR B 59 20.22 11.76 -16.75
CA TYR B 59 19.75 10.58 -16.04
C TYR B 59 20.23 9.30 -16.74
N SER B 60 21.53 9.04 -16.66
CA SER B 60 22.12 7.86 -17.29
C SER B 60 23.30 7.38 -16.44
N THR B 61 23.36 6.08 -16.18
CA THR B 61 24.43 5.49 -15.37
C THR B 61 25.85 5.81 -15.84
N ASP B 62 26.06 5.91 -17.15
CA ASP B 62 27.40 6.19 -17.65
C ASP B 62 27.82 7.66 -17.54
N GLN B 63 26.96 8.48 -16.95
CA GLN B 63 27.25 9.90 -16.79
C GLN B 63 27.39 10.29 -15.32
N PHE B 64 26.74 9.52 -14.44
CA PHE B 64 26.80 9.80 -13.01
C PHE B 64 28.21 10.13 -12.54
N ARG B 65 29.14 9.24 -12.84
CA ARG B 65 30.54 9.45 -12.47
C ARG B 65 30.94 10.87 -12.90
N LYS B 66 30.84 11.09 -14.20
CA LYS B 66 31.18 12.37 -14.84
C LYS B 66 30.55 13.60 -14.17
N TYR B 67 29.25 13.54 -13.85
CA TYR B 67 28.55 14.67 -13.24
C TYR B 67 28.41 14.66 -11.72
N SER B 68 28.92 13.61 -11.07
CA SER B 68 28.82 13.50 -9.61
C SER B 68 29.62 14.62 -8.98
N GLU B 69 30.24 15.41 -9.85
CA GLU B 69 31.09 16.55 -9.51
C GLU B 69 30.89 17.15 -8.11
N VAL B 70 29.70 16.94 -7.56
CA VAL B 70 29.38 17.48 -6.25
C VAL B 70 29.63 16.50 -5.09
N ILE B 71 30.11 17.05 -3.98
CA ILE B 71 30.41 16.32 -2.75
C ILE B 71 29.79 17.20 -1.67
N ASN B 72 29.21 16.60 -0.65
CA ASN B 72 28.56 17.39 0.39
C ASN B 72 29.22 17.38 1.76
N PRO B 73 29.69 18.55 2.23
CA PRO B 73 30.32 18.59 3.54
C PRO B 73 29.99 19.91 4.23
N LYS B 74 31.00 20.48 4.87
CA LYS B 74 30.89 21.76 5.54
C LYS B 74 31.03 22.78 4.43
N GLU B 75 32.16 22.71 3.74
CA GLU B 75 32.48 23.60 2.63
C GLU B 75 31.66 23.17 1.40
N PRO B 76 30.68 24.00 1.01
CA PRO B 76 29.77 23.79 -0.13
C PRO B 76 30.40 23.30 -1.41
N SER B 77 29.53 22.85 -2.31
CA SER B 77 29.91 22.36 -3.63
C SER B 77 29.13 23.23 -4.62
N THR B 78 29.47 23.16 -5.90
CA THR B 78 28.76 23.98 -6.88
C THR B 78 27.24 23.83 -6.80
N SER B 79 26.74 22.60 -6.65
CA SER B 79 25.30 22.39 -6.55
C SER B 79 24.78 22.61 -5.12
N VAL B 80 25.59 22.26 -4.13
CA VAL B 80 25.23 22.44 -2.73
C VAL B 80 25.17 23.93 -2.41
N GLN B 81 25.99 24.72 -3.10
CA GLN B 81 26.00 26.14 -2.86
C GLN B 81 24.79 26.80 -3.50
N PHE B 82 24.52 26.40 -4.76
CA PHE B 82 23.41 26.94 -5.53
C PHE B 82 22.08 26.76 -4.81
N LEU B 83 21.78 25.53 -4.40
CA LEU B 83 20.52 25.25 -3.71
C LEU B 83 20.51 25.90 -2.33
N SER B 84 21.67 26.00 -1.70
CA SER B 84 21.76 26.61 -0.39
C SER B 84 21.31 28.08 -0.48
N ASN B 85 21.78 28.77 -1.52
CA ASN B 85 21.46 30.18 -1.75
C ASN B 85 19.98 30.42 -2.09
N LEU B 86 19.35 29.44 -2.73
CA LEU B 86 17.94 29.54 -3.08
C LEU B 86 17.15 29.23 -1.83
N ALA B 87 17.73 28.39 -0.97
CA ALA B 87 17.07 28.03 0.26
C ALA B 87 16.74 29.30 1.05
N ASN B 88 17.74 30.05 1.50
CA ASN B 88 17.44 31.24 2.30
C ASN B 88 16.99 32.50 1.56
N LYS B 89 17.26 32.60 0.26
CA LYS B 89 16.81 33.79 -0.46
C LYS B 89 15.32 33.86 -0.27
N PHE B 90 14.69 32.69 -0.27
CA PHE B 90 13.25 32.56 -0.05
C PHE B 90 13.06 31.92 1.33
N LYS B 91 11.88 32.05 1.92
CA LYS B 91 11.63 31.44 3.22
C LYS B 91 11.98 29.97 3.12
N ILE B 92 11.30 29.29 2.20
CA ILE B 92 11.41 27.87 1.88
C ILE B 92 12.50 26.93 2.42
N ILE B 93 12.04 25.70 2.65
CA ILE B 93 12.87 24.59 3.07
C ILE B 93 12.93 23.91 1.72
N LEU B 94 14.14 23.72 1.21
CA LEU B 94 14.30 23.11 -0.12
C LEU B 94 14.87 21.70 -0.18
N VAL B 95 14.07 20.78 -0.69
CA VAL B 95 14.49 19.40 -0.88
C VAL B 95 15.15 19.37 -2.27
N GLY B 96 16.47 19.54 -2.31
CA GLY B 96 17.20 19.56 -3.57
C GLY B 96 17.01 18.40 -4.54
N GLY B 97 16.08 17.51 -4.19
CA GLY B 97 15.73 16.35 -4.99
C GLY B 97 16.79 15.57 -5.75
N THR B 98 17.77 14.99 -5.06
CA THR B 98 18.80 14.17 -5.72
C THR B 98 19.72 14.75 -6.80
N ILE B 99 21.01 14.44 -6.63
CA ILE B 99 22.07 14.84 -7.56
C ILE B 99 23.15 13.75 -7.41
N PRO B 100 23.95 13.49 -8.46
CA PRO B 100 24.98 12.46 -8.34
C PRO B 100 25.94 12.89 -7.26
N GLU B 101 26.23 11.99 -6.33
CA GLU B 101 27.16 12.34 -5.28
C GLU B 101 28.39 11.44 -5.36
N LEU B 102 29.54 12.00 -4.97
CA LEU B 102 30.80 11.27 -4.97
C LEU B 102 31.40 11.44 -3.58
N ASP B 103 31.70 10.30 -2.95
CA ASP B 103 32.30 10.33 -1.64
C ASP B 103 33.81 10.38 -1.86
N PRO B 104 34.45 11.45 -1.40
CA PRO B 104 35.90 11.63 -1.55
C PRO B 104 36.72 10.45 -1.01
N LYS B 105 36.33 9.94 0.15
CA LYS B 105 37.04 8.83 0.77
C LYS B 105 36.85 7.53 -0.03
N THR B 106 35.71 6.88 0.21
CA THR B 106 35.36 5.61 -0.43
C THR B 106 35.40 5.66 -1.96
N ASP B 107 35.39 6.87 -2.52
CA ASP B 107 35.43 7.04 -3.97
C ASP B 107 34.17 6.45 -4.61
N LYS B 108 33.15 6.20 -3.81
CA LYS B 108 31.90 5.65 -4.30
C LYS B 108 30.96 6.80 -4.68
N ILE B 109 30.12 6.57 -5.69
CA ILE B 109 29.16 7.58 -6.12
C ILE B 109 27.74 7.12 -5.83
N TYR B 110 26.97 8.01 -5.20
CA TYR B 110 25.59 7.71 -4.83
C TYR B 110 24.59 8.63 -5.51
N ASN B 111 23.32 8.41 -5.24
CA ASN B 111 22.24 9.26 -5.77
C ASN B 111 21.59 9.79 -4.51
N THR B 112 22.00 10.98 -4.09
CA THR B 112 21.50 11.57 -2.86
C THR B 112 20.61 12.81 -3.00
N SER B 113 19.63 12.91 -2.11
CA SER B 113 18.73 14.06 -2.10
C SER B 113 19.19 14.95 -0.97
N ILE B 114 19.58 16.17 -1.27
CA ILE B 114 20.04 17.10 -0.25
C ILE B 114 18.95 18.05 0.25
N ILE B 115 18.79 18.13 1.56
CA ILE B 115 17.76 19.00 2.14
C ILE B 115 18.33 20.22 2.84
N PHE B 116 17.73 21.37 2.58
CA PHE B 116 18.17 22.62 3.18
C PHE B 116 17.05 23.25 3.99
N ASN B 117 17.41 24.16 4.88
CA ASN B 117 16.42 24.83 5.71
C ASN B 117 16.23 26.26 5.21
N GLU B 118 15.41 27.00 5.93
CA GLU B 118 15.07 28.36 5.57
C GLU B 118 16.20 29.40 5.58
N ASP B 119 17.32 29.06 6.22
CA ASP B 119 18.47 29.96 6.27
C ASP B 119 19.55 29.48 5.32
N GLY B 120 19.33 28.31 4.71
CA GLY B 120 20.28 27.77 3.77
C GLY B 120 21.23 26.69 4.28
N LYS B 121 21.01 26.18 5.49
CA LYS B 121 21.89 25.14 6.05
C LYS B 121 21.48 23.76 5.58
N LEU B 122 22.48 22.94 5.25
CA LEU B 122 22.22 21.59 4.79
C LEU B 122 21.85 20.71 5.97
N ILE B 123 20.55 20.66 6.26
CA ILE B 123 20.02 19.88 7.39
C ILE B 123 20.39 18.42 7.38
N ASP B 124 20.00 17.72 6.30
CA ASP B 124 20.24 16.29 6.20
C ASP B 124 20.37 15.92 4.72
N LYS B 125 20.51 14.63 4.47
CA LYS B 125 20.63 14.12 3.11
C LYS B 125 20.27 12.64 3.09
N HIS B 126 19.73 12.18 1.97
CA HIS B 126 19.33 10.79 1.83
C HIS B 126 19.96 10.11 0.63
N ARG B 127 20.79 9.09 0.89
CA ARG B 127 21.41 8.33 -0.19
C ARG B 127 20.40 7.22 -0.50
N LYS B 128 20.03 7.12 -1.77
CA LYS B 128 19.08 6.11 -2.21
C LYS B 128 19.47 4.75 -1.62
N VAL B 129 18.55 4.18 -0.85
CA VAL B 129 18.79 2.88 -0.23
C VAL B 129 18.59 1.76 -1.25
N HIS B 130 17.34 1.47 -1.58
CA HIS B 130 17.01 0.40 -2.52
C HIS B 130 17.26 0.80 -3.98
N LEU B 131 18.07 0.00 -4.68
CA LEU B 131 18.37 0.28 -6.09
C LEU B 131 18.59 -0.98 -6.92
N PHE B 142 21.19 -4.11 -15.13
CA PHE B 142 22.14 -4.40 -14.06
C PHE B 142 22.91 -3.14 -13.66
N HIS B 143 23.50 -2.46 -14.65
CA HIS B 143 24.28 -1.23 -14.45
C HIS B 143 23.69 -0.34 -13.36
N GLU B 144 22.36 -0.33 -13.28
CA GLU B 144 21.63 0.46 -12.31
C GLU B 144 22.17 0.27 -10.89
N SER B 145 22.92 -0.81 -10.69
CA SER B 145 23.49 -1.13 -9.39
C SER B 145 24.97 -1.40 -9.54
N GLU B 146 25.48 -1.17 -10.74
CA GLU B 146 26.89 -1.40 -11.03
C GLU B 146 27.60 -0.09 -11.39
N THR B 147 27.01 1.02 -10.95
CA THR B 147 27.56 2.34 -11.17
C THR B 147 27.37 3.11 -9.88
N LEU B 148 26.31 2.78 -9.17
CA LEU B 148 26.01 3.46 -7.92
C LEU B 148 26.09 2.52 -6.73
N SER B 149 26.25 3.12 -5.55
CA SER B 149 26.32 2.39 -4.30
C SER B 149 25.06 2.71 -3.50
N PRO B 150 24.65 1.81 -2.59
CA PRO B 150 23.46 2.02 -1.77
C PRO B 150 23.67 2.78 -0.47
N GLY B 151 22.59 3.38 0.04
CA GLY B 151 22.65 4.10 1.29
C GLY B 151 22.19 3.17 2.40
N GLU B 152 22.40 3.57 3.65
CA GLU B 152 22.02 2.71 4.76
C GLU B 152 21.20 3.37 5.84
N LYS B 153 21.00 4.68 5.72
CA LYS B 153 20.22 5.41 6.71
C LYS B 153 18.81 5.70 6.23
N SER B 154 17.87 5.81 7.17
CA SER B 154 16.49 6.13 6.83
C SER B 154 16.50 7.60 7.15
N THR B 155 15.96 8.41 6.25
CA THR B 155 15.98 9.86 6.45
C THR B 155 14.68 10.52 6.89
N THR B 156 14.71 11.15 8.05
CA THR B 156 13.55 11.85 8.58
C THR B 156 14.02 13.21 9.08
N ILE B 157 13.90 14.23 8.23
CA ILE B 157 14.34 15.58 8.57
C ILE B 157 13.45 16.27 9.57
N ASP B 158 14.09 17.04 10.44
CA ASP B 158 13.38 17.78 11.46
C ASP B 158 13.18 19.18 10.90
N THR B 159 12.01 19.73 11.19
CA THR B 159 11.65 21.05 10.70
C THR B 159 10.81 21.81 11.72
N LYS B 160 10.84 23.13 11.64
CA LYS B 160 10.07 23.96 12.58
C LYS B 160 8.56 23.76 12.51
N TYR B 161 8.09 22.91 11.60
CA TYR B 161 6.64 22.67 11.46
C TYR B 161 6.31 21.22 11.82
N GLY B 162 7.34 20.40 11.81
CA GLY B 162 7.15 18.98 12.10
C GLY B 162 8.24 18.22 11.36
N LYS B 163 8.12 16.90 11.32
CA LYS B 163 9.13 16.09 10.64
C LYS B 163 8.55 15.50 9.37
N PHE B 164 9.40 15.24 8.38
CA PHE B 164 8.96 14.62 7.16
C PHE B 164 10.04 13.69 6.64
N GLY B 165 9.62 12.57 6.05
CA GLY B 165 10.58 11.61 5.52
C GLY B 165 10.91 11.88 4.07
N VAL B 166 12.08 11.39 3.63
CA VAL B 166 12.52 11.57 2.25
C VAL B 166 13.05 10.24 1.71
N GLY B 167 12.57 9.84 0.54
CA GLY B 167 13.01 8.61 -0.07
C GLY B 167 13.27 8.88 -1.55
N ILE B 168 13.92 7.95 -2.25
CA ILE B 168 14.19 8.18 -3.66
C ILE B 168 13.74 7.06 -4.58
N CYS B 169 13.00 7.46 -5.60
CA CYS B 169 12.46 6.59 -6.63
C CYS B 169 12.08 5.16 -6.19
N TYR B 170 12.99 4.20 -6.42
CA TYR B 170 12.76 2.81 -6.08
C TYR B 170 12.43 2.61 -4.60
N ASP B 171 12.85 3.57 -3.77
CA ASP B 171 12.59 3.50 -2.33
C ASP B 171 11.12 3.48 -1.94
N MET B 172 10.25 4.03 -2.81
CA MET B 172 8.84 4.04 -2.47
C MET B 172 8.22 2.64 -2.58
N ARG B 173 8.98 1.70 -3.12
CA ARG B 173 8.47 0.35 -3.28
C ARG B 173 8.66 -0.51 -2.00
N PHE B 174 9.15 0.08 -0.92
CA PHE B 174 9.45 -0.67 0.31
C PHE B 174 8.81 0.14 1.39
N PRO B 175 7.60 -0.28 1.80
CA PRO B 175 6.85 0.41 2.83
C PRO B 175 7.55 0.68 4.14
N GLU B 176 8.61 -0.08 4.41
CA GLU B 176 9.35 0.10 5.64
C GLU B 176 9.78 1.55 5.79
N LEU B 177 10.43 2.10 4.77
CA LEU B 177 10.88 3.48 4.79
C LEU B 177 9.79 4.47 5.20
N ALA B 178 8.58 4.24 4.70
CA ALA B 178 7.48 5.14 5.03
C ALA B 178 7.01 4.93 6.47
N MET B 179 6.75 3.67 6.82
CA MET B 179 6.30 3.34 8.17
C MET B 179 7.24 3.94 9.20
N LEU B 180 8.53 3.81 8.92
CA LEU B 180 9.59 4.30 9.78
C LEU B 180 9.45 5.78 10.06
N SER B 181 9.65 6.60 9.03
CA SER B 181 9.57 8.06 9.17
C SER B 181 8.20 8.53 9.68
N ALA B 182 7.15 7.82 9.27
CA ALA B 182 5.78 8.18 9.65
C ALA B 182 5.49 8.00 11.13
N ARG B 183 5.90 6.85 11.65
CA ARG B 183 5.67 6.53 13.04
C ARG B 183 6.59 7.34 13.95
N LYS B 184 7.68 7.89 13.39
CA LYS B 184 8.59 8.71 14.17
C LYS B 184 7.95 10.07 14.42
N GLY B 185 6.89 10.36 13.68
CA GLY B 185 6.18 11.61 13.82
C GLY B 185 5.99 12.40 12.54
N ALA B 186 6.54 11.92 11.43
CA ALA B 186 6.42 12.61 10.16
C ALA B 186 4.98 12.86 9.70
N PHE B 187 4.76 14.02 9.09
CA PHE B 187 3.45 14.40 8.56
C PHE B 187 3.40 14.19 7.05
N ALA B 188 4.55 13.83 6.47
CA ALA B 188 4.63 13.61 5.04
C ALA B 188 5.88 12.85 4.65
N MET B 189 5.77 12.05 3.60
CA MET B 189 6.90 11.29 3.06
C MET B 189 7.10 11.90 1.67
N ILE B 190 8.25 12.51 1.45
CA ILE B 190 8.52 13.11 0.15
C ILE B 190 9.48 12.22 -0.66
N TYR B 191 9.17 11.97 -1.92
CA TYR B 191 9.96 11.12 -2.79
C TYR B 191 10.38 11.68 -4.14
N PRO B 192 11.62 12.14 -4.31
CA PRO B 192 12.01 12.66 -5.61
C PRO B 192 12.11 11.42 -6.49
N SER B 193 11.25 11.27 -7.48
CA SER B 193 11.32 10.06 -8.28
C SER B 193 11.18 10.28 -9.77
N ALA B 194 11.54 9.28 -10.55
CA ALA B 194 11.42 9.41 -12.00
C ALA B 194 11.02 8.08 -12.63
N PHE B 195 9.74 7.75 -12.58
CA PHE B 195 9.30 6.52 -13.23
C PHE B 195 9.24 6.79 -14.71
N ASN B 196 8.97 5.75 -15.50
CA ASN B 196 8.89 5.94 -16.93
C ASN B 196 7.51 5.63 -17.48
N THR B 197 7.34 5.90 -18.78
CA THR B 197 6.09 5.70 -19.47
C THR B 197 5.54 4.28 -19.38
N VAL B 198 6.37 3.36 -18.88
CA VAL B 198 5.93 1.98 -18.75
C VAL B 198 5.58 1.61 -17.31
N THR B 199 6.52 1.89 -16.40
CA THR B 199 6.35 1.57 -15.00
C THR B 199 5.38 2.56 -14.31
N GLY B 200 5.37 3.80 -14.80
CA GLY B 200 4.54 4.84 -14.21
C GLY B 200 3.04 4.62 -14.22
N PRO B 201 2.45 4.21 -15.35
CA PRO B 201 1.01 3.98 -15.45
C PRO B 201 0.56 2.83 -14.59
N LEU B 202 1.48 1.93 -14.29
CA LEU B 202 1.15 0.76 -13.52
C LEU B 202 1.18 0.98 -12.01
N HIS B 203 2.32 1.43 -11.48
CA HIS B 203 2.40 1.60 -10.02
C HIS B 203 2.47 3.00 -9.32
N TRP B 204 2.80 4.04 -10.09
CA TRP B 204 2.93 5.41 -9.55
C TRP B 204 1.80 5.97 -8.66
N HIS B 205 0.58 6.01 -9.19
CA HIS B 205 -0.54 6.53 -8.41
C HIS B 205 -0.81 5.64 -7.21
N LEU B 206 -0.76 4.33 -7.43
CA LEU B 206 -1.00 3.35 -6.38
C LEU B 206 -0.04 3.50 -5.20
N LEU B 207 1.25 3.53 -5.47
CA LEU B 207 2.20 3.64 -4.39
C LEU B 207 2.02 4.94 -3.63
N ALA B 208 1.95 6.06 -4.35
CA ALA B 208 1.77 7.36 -3.73
C ALA B 208 0.63 7.29 -2.72
N ARG B 209 -0.53 6.91 -3.22
CA ARG B 209 -1.74 6.80 -2.41
C ARG B 209 -1.71 5.68 -1.37
N SER B 210 -0.91 4.65 -1.64
CA SER B 210 -0.85 3.54 -0.71
C SER B 210 -0.04 3.91 0.54
N ARG B 211 1.09 4.58 0.33
CA ARG B 211 1.96 5.00 1.43
C ARG B 211 1.30 6.09 2.30
N ALA B 212 0.37 6.83 1.73
CA ALA B 212 -0.32 7.90 2.43
C ALA B 212 -1.50 7.42 3.29
N VAL B 213 -2.22 6.40 2.81
CA VAL B 213 -3.37 5.86 3.52
C VAL B 213 -2.96 4.85 4.57
N ASP B 214 -1.85 4.15 4.30
CA ASP B 214 -1.32 3.16 5.24
C ASP B 214 -0.69 3.87 6.42
N ASN B 215 0.00 4.97 6.15
CA ASN B 215 0.64 5.71 7.24
C ASN B 215 -0.15 6.96 7.61
N GLN B 216 -1.22 7.23 6.87
CA GLN B 216 -2.05 8.41 7.12
C GLN B 216 -1.22 9.67 7.27
N VAL B 217 -0.36 9.91 6.28
CA VAL B 217 0.51 11.09 6.24
C VAL B 217 0.34 11.64 4.85
N TYR B 218 0.98 12.76 4.56
CA TYR B 218 0.92 13.34 3.23
C TYR B 218 2.05 12.72 2.41
N VAL B 219 1.79 12.52 1.12
CA VAL B 219 2.82 11.98 0.26
C VAL B 219 2.96 12.85 -0.97
N MET B 220 4.19 13.26 -1.23
CA MET B 220 4.51 14.10 -2.36
C MET B 220 5.52 13.34 -3.23
N LEU B 221 5.23 13.26 -4.53
CA LEU B 221 6.13 12.62 -5.47
C LEU B 221 6.50 13.70 -6.49
N CYS B 222 7.79 13.94 -6.66
CA CYS B 222 8.24 14.95 -7.59
C CYS B 222 9.01 14.30 -8.74
N SER B 223 8.36 14.21 -9.89
CA SER B 223 8.98 13.62 -11.06
C SER B 223 9.53 14.68 -11.99
N PRO B 224 10.51 14.30 -12.84
CA PRO B 224 11.10 15.22 -13.80
C PRO B 224 10.05 15.35 -14.91
N ALA B 225 10.21 16.32 -15.79
CA ALA B 225 9.25 16.45 -16.86
C ALA B 225 9.57 15.38 -17.90
N ARG B 226 8.54 14.81 -18.50
CA ARG B 226 8.74 13.79 -19.52
C ARG B 226 9.47 14.41 -20.71
N ASN B 227 10.68 13.93 -20.97
CA ASN B 227 11.48 14.43 -22.10
C ASN B 227 11.63 13.29 -23.08
N LEU B 228 10.85 13.32 -24.15
CA LEU B 228 10.89 12.28 -25.17
C LEU B 228 12.15 12.35 -26.01
N GLN B 229 12.97 13.35 -25.76
CA GLN B 229 14.21 13.49 -26.52
C GLN B 229 15.37 12.80 -25.85
N SER B 230 15.13 12.20 -24.69
CA SER B 230 16.20 11.51 -23.99
C SER B 230 16.01 10.00 -23.98
N SER B 231 17.03 9.31 -23.51
CA SER B 231 16.99 7.85 -23.42
C SER B 231 15.88 7.47 -22.44
N TYR B 232 15.74 8.25 -21.37
CA TYR B 232 14.73 7.99 -20.34
C TYR B 232 13.51 8.90 -20.47
N HIS B 233 12.34 8.29 -20.59
CA HIS B 233 11.07 9.00 -20.73
C HIS B 233 10.30 9.02 -19.41
N ALA B 234 10.62 10.02 -18.58
CA ALA B 234 9.98 10.19 -17.28
C ALA B 234 8.47 10.18 -17.46
N TYR B 235 7.79 9.64 -16.47
CA TYR B 235 6.35 9.53 -16.46
C TYR B 235 5.72 10.87 -16.15
N GLY B 236 6.38 11.61 -15.27
CA GLY B 236 5.86 12.91 -14.85
C GLY B 236 4.85 12.70 -13.75
N HIS B 237 3.72 13.40 -13.84
CA HIS B 237 2.65 13.27 -12.86
C HIS B 237 3.05 13.49 -11.39
N SER B 238 3.86 14.51 -11.13
CA SER B 238 4.23 14.79 -9.76
C SER B 238 2.90 14.96 -9.02
N ILE B 239 2.78 14.40 -7.82
CA ILE B 239 1.53 14.54 -7.11
C ILE B 239 1.67 14.74 -5.62
N VAL B 240 0.55 15.10 -5.01
CA VAL B 240 0.47 15.30 -3.58
C VAL B 240 -0.86 14.69 -3.26
N VAL B 241 -0.87 13.66 -2.41
CA VAL B 241 -2.09 13.02 -2.00
C VAL B 241 -2.17 13.25 -0.50
N ASP B 242 -3.39 13.40 0.00
CA ASP B 242 -3.60 13.64 1.41
C ASP B 242 -3.70 12.33 2.23
N PRO B 243 -3.73 12.46 3.56
CA PRO B 243 -3.81 11.32 4.49
C PRO B 243 -4.86 10.26 4.21
N ARG B 244 -5.90 10.58 3.46
CA ARG B 244 -6.93 9.58 3.19
C ARG B 244 -6.84 8.94 1.79
N GLY B 245 -5.87 9.37 0.98
CA GLY B 245 -5.72 8.81 -0.34
C GLY B 245 -6.13 9.73 -1.48
N LYS B 246 -6.70 10.87 -1.13
CA LYS B 246 -7.13 11.84 -2.12
C LYS B 246 -5.94 12.57 -2.73
N ILE B 247 -5.94 12.67 -4.05
CA ILE B 247 -4.89 13.38 -4.76
C ILE B 247 -5.36 14.83 -4.77
N VAL B 248 -4.60 15.71 -4.12
CA VAL B 248 -4.96 17.11 -4.04
C VAL B 248 -4.27 17.98 -5.08
N ALA B 249 -3.14 17.50 -5.60
CA ALA B 249 -2.39 18.22 -6.63
C ALA B 249 -1.73 17.19 -7.55
N GLU B 250 -1.68 17.49 -8.84
CA GLU B 250 -1.10 16.56 -9.79
C GLU B 250 -0.75 17.20 -11.11
N ALA B 251 0.47 16.95 -11.57
CA ALA B 251 0.95 17.49 -12.83
C ALA B 251 0.65 16.54 -13.99
N GLY B 252 0.88 17.00 -15.21
CA GLY B 252 0.68 16.15 -16.37
C GLY B 252 2.07 15.61 -16.69
N GLU B 253 2.36 15.44 -17.98
CA GLU B 253 3.68 14.96 -18.37
C GLU B 253 4.65 16.11 -18.58
N GLY B 254 4.13 17.22 -19.09
CA GLY B 254 4.98 18.37 -19.36
C GLY B 254 5.66 18.97 -18.16
N GLU B 255 6.41 20.05 -18.40
CA GLU B 255 7.14 20.78 -17.36
C GLU B 255 6.18 21.75 -16.69
N GLU B 256 6.05 21.67 -15.37
CA GLU B 256 5.16 22.57 -14.63
C GLU B 256 5.39 22.55 -13.12
N ILE B 257 4.68 23.45 -12.43
CA ILE B 257 4.76 23.57 -10.97
C ILE B 257 3.36 23.33 -10.43
N ILE B 258 3.22 22.47 -9.43
CA ILE B 258 1.91 22.25 -8.83
C ILE B 258 1.98 22.72 -7.38
N TYR B 259 0.82 22.99 -6.80
CA TYR B 259 0.74 23.49 -5.42
C TYR B 259 -0.32 22.82 -4.55
N ALA B 260 -0.02 22.76 -3.26
CA ALA B 260 -0.95 22.17 -2.30
C ALA B 260 -0.78 22.85 -0.96
N GLU B 261 -1.63 22.48 -0.01
CA GLU B 261 -1.56 23.03 1.33
C GLU B 261 -1.75 21.87 2.29
N LEU B 262 -0.73 21.58 3.09
CA LEU B 262 -0.82 20.49 4.05
C LEU B 262 -1.53 21.03 5.29
N ASP B 263 -2.74 20.54 5.54
CA ASP B 263 -3.53 20.99 6.70
C ASP B 263 -3.43 20.01 7.86
N PRO B 264 -3.12 20.51 9.07
CA PRO B 264 -3.04 19.59 10.22
C PRO B 264 -4.40 19.01 10.63
N GLU B 265 -5.48 19.71 10.28
CA GLU B 265 -6.82 19.23 10.62
C GLU B 265 -7.20 18.04 9.74
N VAL B 266 -6.70 18.00 8.51
CA VAL B 266 -7.00 16.89 7.60
C VAL B 266 -6.36 15.62 8.16
N ILE B 267 -5.08 15.69 8.49
CA ILE B 267 -4.36 14.55 9.03
C ILE B 267 -5.06 14.06 10.30
N GLU B 268 -5.41 15.01 11.17
CA GLU B 268 -6.06 14.69 12.42
C GLU B 268 -7.45 14.11 12.20
N SER B 269 -8.30 14.84 11.50
CA SER B 269 -9.66 14.39 11.21
C SER B 269 -9.71 12.96 10.68
N PHE B 270 -8.74 12.58 9.86
CA PHE B 270 -8.75 11.23 9.30
C PHE B 270 -8.00 10.21 10.16
N ARG B 271 -7.25 10.68 11.15
CA ARG B 271 -6.54 9.78 12.05
C ARG B 271 -7.56 9.40 13.13
N GLN B 272 -8.52 10.28 13.35
CA GLN B 272 -9.58 10.04 14.32
C GLN B 272 -10.43 8.94 13.73
N ALA B 273 -10.87 9.17 12.50
CA ALA B 273 -11.70 8.23 11.77
C ALA B 273 -11.10 6.82 11.75
N VAL B 274 -9.89 6.68 11.21
CA VAL B 274 -9.25 5.38 11.13
C VAL B 274 -7.98 5.35 12.02
N PRO B 275 -8.15 5.00 13.30
CA PRO B 275 -7.03 4.93 14.24
C PRO B 275 -5.84 4.09 13.83
N LEU B 276 -4.66 4.57 14.20
CA LEU B 276 -3.40 3.91 13.89
C LEU B 276 -3.07 2.91 14.99
N THR B 277 -3.89 2.89 16.03
CA THR B 277 -3.66 1.98 17.15
C THR B 277 -3.72 0.54 16.66
N LYS B 278 -2.53 -0.01 16.43
CA LYS B 278 -2.35 -1.36 15.92
C LYS B 278 -2.01 -2.32 17.06
N GLN B 279 -2.32 -3.61 16.89
CA GLN B 279 -1.98 -4.61 17.90
C GLN B 279 -0.57 -5.07 17.56
N ARG B 280 0.42 -4.30 18.02
CA ARG B 280 1.83 -4.56 17.73
C ARG B 280 2.28 -5.97 18.10
N ARG B 281 1.35 -6.77 18.61
CA ARG B 281 1.67 -8.16 18.95
C ARG B 281 1.68 -9.02 17.70
N PHE B 282 2.60 -8.68 16.80
CA PHE B 282 2.78 -9.38 15.54
C PHE B 282 4.06 -8.91 14.87
#